data_6P4T
#
_entry.id   6P4T
#
_cell.length_a   61.282
_cell.length_b   97.714
_cell.length_c   119.076
_cell.angle_alpha   90.00
_cell.angle_beta   90.00
_cell.angle_gamma   90.00
#
_symmetry.space_group_name_H-M   'P 21 21 21'
#
loop_
_entity.id
_entity.type
_entity.pdbx_description
1 polymer 'Putative pertussis-like toxin subunit'
2 branched 'N-acetyl-alpha-neuraminic acid-(2-3)-beta-D-galactopyranose-(1-4)-2-acetamido-2-deoxy-beta-D-glucopyranose'
3 water water
#
_entity_poly.entity_id   1
_entity_poly.type   'polypeptide(L)'
_entity_poly.pdbx_seq_one_letter_code
;MYMSKYVPVYTLLILIYSFNASAEWTGDNTNAYYSDEVISELHVGQIDTSPYFCIKTVKANGSGIPVVACAVSKQSIWAP
SFKELLDQARYFYSTGQSVRIHVQKNIWTYPLFVNTFSANALVGLSSCSATQCFGPKLEHHHHHH
;
_entity_poly.pdbx_strand_id   A,B,C,D,E
#
loop_
_chem_comp.id
_chem_comp.type
_chem_comp.name
_chem_comp.formula
GAL D-saccharide, beta linking beta-D-galactopyranose 'C6 H12 O6'
NAG D-saccharide, beta linking 2-acetamido-2-deoxy-beta-D-glucopyranose 'C8 H15 N O6'
SIA D-saccharide, alpha linking 'N-acetyl-alpha-neuraminic acid' 'C11 H19 N O9'
#
# COMPACT_ATOMS: atom_id res chain seq x y z
N GLU A 24 5.66 1.46 -28.31
CA GLU A 24 6.13 2.60 -27.51
C GLU A 24 6.90 2.07 -26.31
N TRP A 25 7.73 2.91 -25.72
CA TRP A 25 8.57 2.48 -24.60
C TRP A 25 9.08 3.75 -23.93
N THR A 26 9.10 3.73 -22.60
CA THR A 26 9.82 4.73 -21.83
C THR A 26 11.12 5.15 -22.50
N GLY A 27 11.88 4.18 -23.02
CA GLY A 27 13.20 4.43 -23.57
C GLY A 27 13.28 4.87 -25.02
N ASP A 28 12.15 4.99 -25.72
CA ASP A 28 12.17 5.52 -27.09
C ASP A 28 12.92 6.85 -27.17
N ASN A 29 13.66 7.04 -28.26
CA ASN A 29 14.38 8.29 -28.39
C ASN A 29 13.46 9.47 -28.66
N THR A 30 12.18 9.25 -28.93
CA THR A 30 11.27 10.38 -29.03
C THR A 30 10.86 10.91 -27.67
N ASN A 31 11.21 10.24 -26.59
CA ASN A 31 10.98 10.80 -25.26
C ASN A 31 12.24 11.50 -24.78
N ALA A 32 12.11 12.21 -23.67
CA ALA A 32 13.18 13.01 -23.10
C ALA A 32 13.39 12.60 -21.66
N TYR A 33 14.62 12.76 -21.17
CA TYR A 33 14.92 12.38 -19.80
C TYR A 33 15.91 13.37 -19.20
N TYR A 34 15.94 13.41 -17.87
CA TYR A 34 16.81 14.29 -17.10
C TYR A 34 17.36 13.48 -15.94
N SER A 35 18.69 13.40 -15.85
CA SER A 35 19.41 12.57 -14.88
C SER A 35 19.75 13.34 -13.62
N ASP A 36 19.93 12.59 -12.53
CA ASP A 36 20.45 13.13 -11.26
C ASP A 36 19.54 14.22 -10.71
N GLU A 37 18.25 13.95 -10.76
CA GLU A 37 17.19 14.81 -10.25
C GLU A 37 16.66 14.26 -8.93
N VAL A 38 15.95 15.11 -8.20
CA VAL A 38 15.22 14.67 -7.03
C VAL A 38 13.79 15.19 -7.16
N ILE A 39 12.85 14.40 -6.64
CA ILE A 39 11.45 14.81 -6.69
C ILE A 39 11.20 15.76 -5.53
N SER A 40 10.94 17.03 -5.84
CA SER A 40 10.81 18.01 -4.80
C SER A 40 9.37 18.35 -4.43
N GLU A 41 8.40 18.12 -5.34
CA GLU A 41 7.01 18.41 -5.02
C GLU A 41 6.09 17.39 -5.69
N LEU A 42 4.90 17.22 -5.10
CA LEU A 42 3.91 16.25 -5.57
C LEU A 42 2.51 16.82 -5.33
N HIS A 43 1.63 16.64 -6.32
CA HIS A 43 0.26 17.14 -6.33
C HIS A 43 -0.65 16.07 -6.88
N VAL A 44 -1.83 15.88 -6.26
CA VAL A 44 -2.85 14.97 -6.79
C VAL A 44 -4.15 15.75 -6.97
N GLY A 45 -4.91 15.36 -7.99
CA GLY A 45 -6.13 16.04 -8.33
C GLY A 45 -7.00 15.20 -9.26
N GLN A 46 -7.95 15.86 -9.92
CA GLN A 46 -8.81 15.20 -10.89
C GLN A 46 -9.17 16.21 -11.98
N ILE A 47 -9.25 15.71 -13.21
CA ILE A 47 -9.68 16.55 -14.34
C ILE A 47 -10.46 15.66 -15.31
N ASP A 48 -11.62 16.17 -15.76
CA ASP A 48 -12.48 15.48 -16.73
C ASP A 48 -12.75 14.02 -16.36
N THR A 49 -13.11 13.80 -15.09
CA THR A 49 -13.41 12.52 -14.46
C THR A 49 -12.20 11.62 -14.29
N SER A 50 -10.98 12.10 -14.56
CA SER A 50 -9.79 11.27 -14.39
C SER A 50 -8.93 11.74 -13.23
N PRO A 51 -8.60 10.84 -12.30
CA PRO A 51 -7.47 11.11 -11.38
C PRO A 51 -6.21 11.44 -12.16
N TYR A 52 -5.39 12.32 -11.60
CA TYR A 52 -4.08 12.63 -12.16
C TYR A 52 -3.14 13.04 -11.03
N PHE A 53 -1.84 12.90 -11.28
CA PHE A 53 -0.86 13.53 -10.39
C PHE A 53 0.21 14.22 -11.23
N CYS A 54 0.90 15.18 -10.60
CA CYS A 54 2.05 15.81 -11.20
C CYS A 54 3.18 15.85 -10.17
N ILE A 55 4.42 15.84 -10.68
CA ILE A 55 5.60 15.98 -9.83
C ILE A 55 6.46 17.10 -10.39
N LYS A 56 7.21 17.72 -9.48
CA LYS A 56 8.27 18.66 -9.81
C LYS A 56 9.60 18.01 -9.41
N THR A 57 10.59 18.08 -10.29
CA THR A 57 11.93 17.64 -9.98
C THR A 57 12.94 18.74 -10.26
N VAL A 58 14.06 18.68 -9.56
CA VAL A 58 15.16 19.61 -9.73
C VAL A 58 16.44 18.80 -9.63
N LYS A 59 17.49 19.27 -10.31
CA LYS A 59 18.80 18.64 -10.18
C LYS A 59 19.19 18.54 -8.72
N ALA A 60 19.76 17.40 -8.33
CA ALA A 60 20.23 17.24 -6.96
C ALA A 60 21.25 18.30 -6.58
N ASN A 61 22.08 18.73 -7.52
CA ASN A 61 23.14 19.65 -7.15
C ASN A 61 22.72 21.12 -7.19
N GLY A 62 21.43 21.42 -7.46
CA GLY A 62 20.94 22.78 -7.49
C GLY A 62 21.03 23.48 -8.84
N SER A 63 21.76 22.94 -9.80
CA SER A 63 21.89 23.64 -11.08
C SER A 63 20.59 23.54 -11.88
N GLY A 64 20.47 24.42 -12.89
CA GLY A 64 19.44 24.27 -13.89
C GLY A 64 18.06 24.69 -13.41
N ILE A 65 17.05 24.21 -14.12
CA ILE A 65 15.66 24.60 -13.92
C ILE A 65 14.87 23.34 -13.58
N PRO A 66 13.69 23.50 -12.97
CA PRO A 66 12.87 22.33 -12.64
C PRO A 66 12.29 21.63 -13.87
N VAL A 67 11.88 20.37 -13.66
CA VAL A 67 11.10 19.60 -14.61
C VAL A 67 9.74 19.37 -13.99
N VAL A 68 8.68 19.51 -14.79
CA VAL A 68 7.33 19.21 -14.31
C VAL A 68 6.71 18.20 -15.26
N ALA A 69 6.04 17.20 -14.69
CA ALA A 69 5.36 16.19 -15.52
C ALA A 69 4.17 15.62 -14.77
N CYS A 70 3.20 15.13 -15.54
CA CYS A 70 1.95 14.60 -15.01
C CYS A 70 1.58 13.29 -15.65
N ALA A 71 0.80 12.50 -14.91
CA ALA A 71 0.16 11.30 -15.42
C ALA A 71 -1.33 11.46 -15.19
N VAL A 72 -2.12 11.07 -16.18
CA VAL A 72 -3.57 11.22 -16.17
C VAL A 72 -4.16 9.83 -16.37
N SER A 73 -4.87 9.35 -15.35
CA SER A 73 -5.16 7.92 -15.20
C SER A 73 -5.88 7.31 -16.41
N LYS A 74 -6.80 8.02 -17.03
CA LYS A 74 -7.59 7.45 -18.11
C LYS A 74 -7.13 7.86 -19.51
N GLN A 75 -6.07 8.68 -19.62
CA GLN A 75 -5.69 9.36 -20.85
C GLN A 75 -4.34 8.88 -21.37
N SER A 76 -4.26 8.77 -22.70
CA SER A 76 -3.05 8.46 -23.47
C SER A 76 -2.61 7.00 -23.40
N ILE A 77 -1.63 6.67 -24.25
CA ILE A 77 -1.13 5.30 -24.29
C ILE A 77 -0.49 4.89 -22.97
N TRP A 78 -0.06 5.87 -22.14
CA TRP A 78 0.60 5.61 -20.86
C TRP A 78 -0.38 5.33 -19.72
N ALA A 79 -1.68 5.37 -19.97
CA ALA A 79 -2.66 5.19 -18.90
C ALA A 79 -2.49 3.92 -18.07
N PRO A 80 -2.15 2.75 -18.64
CA PRO A 80 -2.06 1.54 -17.80
C PRO A 80 -1.01 1.65 -16.70
N SER A 81 -0.01 2.53 -16.85
CA SER A 81 1.08 2.69 -15.90
C SER A 81 0.80 3.74 -14.82
N PHE A 82 -0.39 4.37 -14.82
CA PHE A 82 -0.71 5.43 -13.87
C PHE A 82 -0.40 5.02 -12.43
N LYS A 83 -1.00 3.93 -11.95
CA LYS A 83 -0.80 3.55 -10.55
C LYS A 83 0.68 3.24 -10.27
N GLU A 84 1.33 2.49 -11.15
CA GLU A 84 2.74 2.16 -10.94
C GLU A 84 3.59 3.42 -10.81
N LEU A 85 3.31 4.43 -11.64
CA LEU A 85 4.09 5.66 -11.60
C LEU A 85 3.76 6.49 -10.38
N LEU A 86 2.49 6.52 -9.96
CA LEU A 86 2.13 7.27 -8.76
C LEU A 86 2.79 6.63 -7.53
N ASP A 87 2.76 5.31 -7.43
CA ASP A 87 3.38 4.62 -6.30
C ASP A 87 4.87 4.91 -6.27
N GLN A 88 5.53 4.84 -7.43
CA GLN A 88 6.97 5.00 -7.45
C GLN A 88 7.35 6.47 -7.24
N ALA A 89 6.57 7.39 -7.83
CA ALA A 89 6.80 8.81 -7.55
C ALA A 89 6.70 9.11 -6.05
N ARG A 90 5.69 8.55 -5.37
CA ARG A 90 5.56 8.76 -3.93
C ARG A 90 6.78 8.24 -3.20
N TYR A 91 7.29 7.08 -3.60
CA TYR A 91 8.43 6.51 -2.87
C TYR A 91 9.68 7.38 -3.04
N PHE A 92 10.06 7.70 -4.28
CA PHE A 92 11.25 8.53 -4.49
C PHE A 92 11.07 9.93 -3.90
N TYR A 93 9.83 10.43 -3.88
CA TYR A 93 9.55 11.70 -3.24
C TYR A 93 9.79 11.62 -1.72
N SER A 94 9.38 10.52 -1.09
CA SER A 94 9.58 10.40 0.35
C SER A 94 11.04 10.19 0.73
N THR A 95 11.88 9.66 -0.16
CA THR A 95 13.28 9.44 0.16
C THR A 95 14.17 10.61 -0.20
N GLY A 96 13.77 11.39 -1.21
CA GLY A 96 14.64 12.41 -1.76
C GLY A 96 15.88 11.87 -2.45
N GLN A 97 15.87 10.61 -2.85
CA GLN A 97 17.03 10.04 -3.52
C GLN A 97 17.11 10.53 -4.97
N SER A 98 18.30 10.44 -5.54
CA SER A 98 18.55 10.86 -6.92
C SER A 98 17.87 9.94 -7.90
N VAL A 99 17.26 10.52 -8.93
CA VAL A 99 16.53 9.77 -9.94
C VAL A 99 16.77 10.36 -11.32
N ARG A 100 16.48 9.55 -12.33
CA ARG A 100 16.29 10.03 -13.70
C ARG A 100 14.80 10.00 -14.00
N ILE A 101 14.25 11.13 -14.44
CA ILE A 101 12.84 11.22 -14.82
C ILE A 101 12.75 11.16 -16.34
N HIS A 102 11.82 10.36 -16.86
CA HIS A 102 11.58 10.22 -18.28
C HIS A 102 10.22 10.81 -18.61
N VAL A 103 10.12 11.59 -19.70
CA VAL A 103 8.86 12.27 -20.06
C VAL A 103 8.63 12.21 -21.56
N GLN A 104 7.36 12.30 -21.95
CA GLN A 104 6.96 12.62 -23.32
C GLN A 104 6.42 14.04 -23.35
N LYS A 105 7.02 14.89 -24.18
CA LYS A 105 6.65 16.29 -24.20
C LYS A 105 5.36 16.49 -24.99
N ASN A 106 4.69 17.62 -24.72
CA ASN A 106 3.61 18.20 -25.55
C ASN A 106 2.46 17.22 -25.81
N ILE A 107 1.86 16.65 -24.75
CA ILE A 107 0.69 15.81 -24.91
C ILE A 107 -0.56 16.40 -24.24
N TRP A 108 -0.43 16.93 -23.03
CA TRP A 108 -1.61 17.46 -22.34
C TRP A 108 -2.04 18.79 -22.97
N THR A 109 -3.34 19.06 -22.96
CA THR A 109 -3.90 20.13 -23.78
C THR A 109 -4.65 21.21 -23.02
N TYR A 110 -5.36 20.89 -21.92
CA TYR A 110 -6.16 21.91 -21.25
C TYR A 110 -5.29 23.08 -20.80
N PRO A 111 -5.54 24.30 -21.31
CA PRO A 111 -4.52 25.36 -21.20
C PRO A 111 -4.14 25.74 -19.78
N LEU A 112 -5.10 25.86 -18.85
CA LEU A 112 -4.73 26.22 -17.50
C LEU A 112 -3.99 25.09 -16.80
N PHE A 113 -4.35 23.85 -17.12
CA PHE A 113 -3.61 22.69 -16.61
C PHE A 113 -2.17 22.72 -17.11
N VAL A 114 -1.99 22.90 -18.41
CA VAL A 114 -0.65 23.01 -18.99
C VAL A 114 0.10 24.16 -18.35
N ASN A 115 -0.55 25.32 -18.19
CA ASN A 115 0.14 26.48 -17.64
C ASN A 115 0.47 26.30 -16.17
N THR A 116 -0.42 25.66 -15.41
CA THR A 116 -0.12 25.42 -14.00
C THR A 116 0.99 24.38 -13.85
N PHE A 117 0.97 23.34 -14.68
CA PHE A 117 1.91 22.24 -14.52
C PHE A 117 2.77 22.20 -15.77
N SER A 118 2.41 21.38 -16.77
CA SER A 118 3.13 21.31 -18.03
C SER A 118 2.35 20.37 -18.93
N ALA A 119 2.81 20.24 -20.17
CA ALA A 119 2.21 19.29 -21.10
C ALA A 119 2.97 17.96 -21.15
N ASN A 120 3.98 17.79 -20.29
CA ASN A 120 4.77 16.57 -20.24
C ASN A 120 3.99 15.43 -19.58
N ALA A 121 3.92 14.29 -20.25
CA ALA A 121 3.48 13.06 -19.61
C ALA A 121 4.69 12.41 -18.92
N LEU A 122 4.50 11.98 -17.68
CA LEU A 122 5.50 11.17 -16.99
C LEU A 122 5.45 9.76 -17.56
N VAL A 123 6.57 9.26 -18.09
CA VAL A 123 6.59 7.94 -18.71
C VAL A 123 7.59 6.99 -18.07
N GLY A 124 8.30 7.43 -17.03
CA GLY A 124 9.23 6.53 -16.36
C GLY A 124 10.04 7.19 -15.27
N LEU A 125 10.55 6.39 -14.33
CA LEU A 125 11.37 6.86 -13.21
C LEU A 125 12.47 5.82 -12.96
N SER A 126 13.73 6.27 -12.96
CA SER A 126 14.87 5.39 -12.69
C SER A 126 15.62 5.86 -11.45
N SER A 127 16.02 4.93 -10.58
CA SER A 127 16.96 5.30 -9.53
C SER A 127 18.35 5.55 -10.12
N CYS A 128 19.12 6.44 -9.48
CA CYS A 128 20.49 6.80 -9.85
C CYS A 128 21.40 6.79 -8.63
N SER A 129 21.41 5.70 -7.89
CA SER A 129 22.19 5.67 -6.66
C SER A 129 23.69 5.45 -6.92
N ALA A 130 24.08 5.24 -8.17
CA ALA A 130 25.45 4.90 -8.52
C ALA A 130 26.03 5.91 -9.51
N THR A 131 27.01 5.47 -10.30
CA THR A 131 27.69 6.34 -11.24
C THR A 131 26.72 6.80 -12.31
N GLN A 132 25.98 5.85 -12.83
CA GLN A 132 25.04 6.06 -13.90
C GLN A 132 23.65 5.72 -13.39
N CYS A 133 22.60 6.28 -14.01
CA CYS A 133 21.23 5.97 -13.60
C CYS A 133 20.81 4.60 -14.15
N PHE A 134 19.97 3.90 -13.39
CA PHE A 134 19.52 2.56 -13.78
C PHE A 134 18.30 2.71 -14.68
N GLY A 135 18.55 3.05 -15.95
CA GLY A 135 17.48 3.27 -16.90
C GLY A 135 17.99 3.63 -18.29
N PRO A 136 17.10 3.70 -19.27
CA PRO A 136 17.53 4.00 -20.64
C PRO A 136 18.01 5.44 -20.80
N LYS A 137 18.93 5.64 -21.75
CA LYS A 137 19.55 6.96 -22.00
C LYS A 137 19.96 7.16 -23.47
N GLU B 24 -14.66 19.52 -15.50
CA GLU B 24 -14.32 19.87 -14.13
C GLU B 24 -12.83 19.67 -13.92
N TRP B 25 -12.27 20.40 -12.96
CA TRP B 25 -10.86 20.30 -12.63
C TRP B 25 -10.65 20.85 -11.22
N THR B 26 -9.87 20.11 -10.44
CA THR B 26 -9.33 20.56 -9.17
C THR B 26 -9.05 22.07 -9.12
N GLY B 27 -8.42 22.62 -10.16
CA GLY B 27 -8.05 24.01 -10.23
C GLY B 27 -9.05 25.00 -10.80
N ASP B 28 -10.29 24.58 -11.10
CA ASP B 28 -11.33 25.53 -11.50
C ASP B 28 -11.44 26.65 -10.46
N ASN B 29 -11.59 27.89 -10.92
CA ASN B 29 -11.68 28.98 -9.94
C ASN B 29 -13.01 29.04 -9.18
N THR B 30 -13.97 28.17 -9.52
CA THR B 30 -15.16 27.98 -8.69
C THR B 30 -14.89 27.05 -7.51
N ASN B 31 -13.76 26.35 -7.51
CA ASN B 31 -13.33 25.65 -6.32
C ASN B 31 -12.61 26.61 -5.38
N ALA B 32 -12.36 26.17 -4.16
CA ALA B 32 -11.69 26.97 -3.14
C ALA B 32 -10.43 26.24 -2.68
N TYR B 33 -9.45 27.00 -2.21
CA TYR B 33 -8.22 26.38 -1.75
C TYR B 33 -7.64 27.17 -0.59
N TYR B 34 -6.86 26.48 0.24
CA TYR B 34 -6.24 27.04 1.44
C TYR B 34 -4.78 26.59 1.49
N SER B 35 -3.87 27.55 1.45
CA SER B 35 -2.44 27.26 1.37
C SER B 35 -1.82 27.15 2.76
N ASP B 36 -0.70 26.42 2.82
CA ASP B 36 0.14 26.28 4.02
C ASP B 36 -0.66 25.77 5.21
N GLU B 37 -1.36 24.66 4.98
CA GLU B 37 -2.20 23.99 5.96
C GLU B 37 -1.55 22.68 6.38
N VAL B 38 -1.81 22.24 7.60
CA VAL B 38 -1.33 20.96 8.09
C VAL B 38 -2.55 20.06 8.33
N ILE B 39 -2.48 18.83 7.83
CA ILE B 39 -3.57 17.88 8.05
C ILE B 39 -3.43 17.36 9.46
N SER B 40 -4.27 17.85 10.38
CA SER B 40 -4.09 17.52 11.79
C SER B 40 -4.92 16.33 12.25
N GLU B 41 -5.99 15.96 11.54
CA GLU B 41 -6.83 14.85 11.95
C GLU B 41 -7.35 14.12 10.71
N LEU B 42 -7.70 12.86 10.92
CA LEU B 42 -8.18 12.00 9.83
C LEU B 42 -9.22 11.04 10.38
N HIS B 43 -10.33 10.87 9.65
CA HIS B 43 -11.44 10.03 10.08
C HIS B 43 -11.90 9.14 8.93
N VAL B 44 -12.18 7.88 9.22
CA VAL B 44 -12.69 6.94 8.23
C VAL B 44 -13.99 6.33 8.74
N GLY B 45 -15.02 6.32 7.88
CA GLY B 45 -16.31 5.73 8.22
C GLY B 45 -17.08 5.36 6.97
N GLN B 46 -18.38 5.09 7.15
CA GLN B 46 -19.25 4.75 6.04
C GLN B 46 -20.56 5.53 6.12
N ILE B 47 -21.06 5.97 4.95
CA ILE B 47 -22.31 6.74 4.85
C ILE B 47 -23.07 6.26 3.62
N ASP B 48 -24.31 5.84 3.81
CA ASP B 48 -25.24 5.50 2.72
C ASP B 48 -24.59 4.60 1.66
N THR B 49 -24.07 3.46 2.11
CA THR B 49 -23.38 2.41 1.35
C THR B 49 -21.94 2.77 0.98
N SER B 50 -21.47 4.02 1.17
CA SER B 50 -20.16 4.44 0.69
C SER B 50 -19.17 4.60 1.84
N PRO B 51 -18.01 3.95 1.77
CA PRO B 51 -16.90 4.38 2.63
C PRO B 51 -16.55 5.81 2.29
N TYR B 52 -16.18 6.57 3.32
CA TYR B 52 -15.76 7.95 3.16
C TYR B 52 -14.63 8.21 4.13
N PHE B 53 -13.95 9.34 3.92
CA PHE B 53 -13.00 9.85 4.90
C PHE B 53 -13.09 11.37 4.96
N CYS B 54 -12.74 11.90 6.13
CA CYS B 54 -12.65 13.34 6.31
C CYS B 54 -11.31 13.68 6.94
N ILE B 55 -10.82 14.87 6.62
CA ILE B 55 -9.59 15.38 7.21
C ILE B 55 -9.92 16.73 7.82
N LYS B 56 -9.14 17.11 8.83
CA LYS B 56 -9.16 18.44 9.41
C LYS B 56 -7.80 19.08 9.15
N THR B 57 -7.80 20.33 8.71
CA THR B 57 -6.54 21.04 8.48
C THR B 57 -6.54 22.38 9.18
N VAL B 58 -5.35 22.80 9.62
CA VAL B 58 -5.13 24.06 10.31
C VAL B 58 -3.90 24.75 9.70
N LYS B 59 -3.95 26.08 9.62
CA LYS B 59 -2.81 26.85 9.14
C LYS B 59 -1.56 26.46 9.91
N ALA B 60 -0.45 26.35 9.18
CA ALA B 60 0.82 26.01 9.82
C ALA B 60 1.21 27.09 10.81
N ASN B 61 0.93 28.34 10.48
CA ASN B 61 1.31 29.46 11.33
C ASN B 61 0.34 29.69 12.49
N GLY B 62 -0.66 28.82 12.66
CA GLY B 62 -1.55 28.92 13.81
C GLY B 62 -2.70 29.89 13.66
N SER B 63 -2.76 30.66 12.58
CA SER B 63 -3.81 31.64 12.40
C SER B 63 -5.08 30.98 11.86
N GLY B 64 -6.15 31.77 11.79
CA GLY B 64 -7.39 31.37 11.15
C GLY B 64 -8.18 30.27 11.86
N ILE B 65 -9.03 29.61 11.08
CA ILE B 65 -9.97 28.61 11.56
C ILE B 65 -9.69 27.31 10.82
N PRO B 66 -9.96 26.12 11.38
CA PRO B 66 -9.75 24.88 10.64
C PRO B 66 -10.60 24.77 9.39
N VAL B 67 -10.07 24.06 8.40
CA VAL B 67 -10.81 23.61 7.23
C VAL B 67 -11.14 22.14 7.42
N VAL B 68 -12.36 21.73 7.05
CA VAL B 68 -12.76 20.33 7.07
C VAL B 68 -13.23 19.98 5.66
N ALA B 69 -12.88 18.78 5.19
CA ALA B 69 -13.31 18.31 3.87
C ALA B 69 -13.35 16.79 3.85
N CYS B 70 -14.20 16.24 3.00
CA CYS B 70 -14.45 14.81 2.97
C CYS B 70 -14.55 14.32 1.54
N ALA B 71 -14.23 13.05 1.36
CA ALA B 71 -14.37 12.36 0.09
C ALA B 71 -15.22 11.14 0.34
N VAL B 72 -16.18 10.88 -0.56
CA VAL B 72 -17.14 9.82 -0.37
C VAL B 72 -17.12 8.93 -1.61
N SER B 73 -16.75 7.66 -1.41
CA SER B 73 -16.64 6.71 -2.51
C SER B 73 -17.93 6.64 -3.30
N LYS B 74 -17.81 6.73 -4.63
CA LYS B 74 -18.93 6.60 -5.56
C LYS B 74 -19.99 7.68 -5.38
N GLN B 75 -19.66 8.82 -4.76
CA GLN B 75 -20.59 9.93 -4.66
C GLN B 75 -19.91 11.22 -5.09
N SER B 76 -20.67 12.05 -5.83
CA SER B 76 -20.22 13.32 -6.41
C SER B 76 -19.36 13.11 -7.64
N ILE B 77 -19.13 14.17 -8.40
CA ILE B 77 -18.29 14.03 -9.58
C ILE B 77 -16.86 13.61 -9.22
N TRP B 78 -16.43 13.83 -7.98
CA TRP B 78 -15.05 13.58 -7.56
C TRP B 78 -14.79 12.13 -7.16
N ALA B 79 -15.81 11.28 -7.22
CA ALA B 79 -15.67 9.88 -6.82
C ALA B 79 -14.53 9.11 -7.47
N PRO B 80 -14.20 9.28 -8.77
CA PRO B 80 -13.08 8.51 -9.33
C PRO B 80 -11.77 8.71 -8.60
N SER B 81 -11.58 9.84 -7.92
CA SER B 81 -10.32 10.15 -7.27
C SER B 81 -10.28 9.75 -5.80
N PHE B 82 -11.32 9.07 -5.32
CA PHE B 82 -11.44 8.76 -3.90
C PHE B 82 -10.19 8.09 -3.35
N LYS B 83 -9.81 6.95 -3.93
CA LYS B 83 -8.67 6.20 -3.38
C LYS B 83 -7.39 7.02 -3.43
N GLU B 84 -7.19 7.73 -4.53
CA GLU B 84 -5.98 8.53 -4.66
C GLU B 84 -5.93 9.62 -3.59
N LEU B 85 -7.06 10.26 -3.32
CA LEU B 85 -7.06 11.32 -2.32
C LEU B 85 -6.82 10.75 -0.93
N LEU B 86 -7.42 9.59 -0.63
CA LEU B 86 -7.26 8.98 0.68
C LEU B 86 -5.80 8.60 0.93
N ASP B 87 -5.16 7.96 -0.04
CA ASP B 87 -3.75 7.60 0.11
C ASP B 87 -2.89 8.84 0.31
N GLN B 88 -3.10 9.87 -0.53
CA GLN B 88 -2.32 11.09 -0.40
C GLN B 88 -2.57 11.79 0.91
N ALA B 89 -3.84 11.83 1.35
CA ALA B 89 -4.16 12.45 2.63
C ALA B 89 -3.49 11.72 3.79
N ARG B 90 -3.50 10.38 3.75
CA ARG B 90 -2.76 9.59 4.74
C ARG B 90 -1.28 9.96 4.74
N TYR B 91 -0.65 9.99 3.57
CA TYR B 91 0.78 10.32 3.53
C TYR B 91 1.03 11.68 4.16
N PHE B 92 0.24 12.69 3.76
CA PHE B 92 0.48 14.05 4.25
C PHE B 92 0.17 14.16 5.73
N TYR B 93 -0.82 13.38 6.21
CA TYR B 93 -1.12 13.34 7.64
C TYR B 93 0.05 12.76 8.43
N SER B 94 0.66 11.68 7.95
CA SER B 94 1.75 11.03 8.68
C SER B 94 2.98 11.93 8.78
N THR B 95 3.26 12.75 7.75
CA THR B 95 4.43 13.63 7.85
C THR B 95 4.12 14.93 8.56
N GLY B 96 2.88 15.43 8.49
CA GLY B 96 2.59 16.74 9.02
C GLY B 96 3.14 17.91 8.22
N GLN B 97 3.46 17.71 6.94
CA GLN B 97 4.00 18.82 6.16
C GLN B 97 2.91 19.80 5.74
N SER B 98 3.35 21.00 5.33
CA SER B 98 2.46 22.06 4.89
C SER B 98 2.01 21.79 3.46
N VAL B 99 0.69 21.86 3.22
CA VAL B 99 0.11 21.56 1.92
C VAL B 99 -0.92 22.63 1.55
N ARG B 100 -1.30 22.65 0.27
CA ARG B 100 -2.48 23.38 -0.16
C ARG B 100 -3.63 22.38 -0.32
N ILE B 101 -4.76 22.65 0.36
CA ILE B 101 -5.93 21.80 0.26
C ILE B 101 -6.95 22.46 -0.67
N HIS B 102 -7.46 21.69 -1.64
CA HIS B 102 -8.43 22.14 -2.62
C HIS B 102 -9.77 21.47 -2.37
N VAL B 103 -10.86 22.25 -2.36
CA VAL B 103 -12.20 21.75 -2.06
C VAL B 103 -13.21 22.35 -3.04
N GLN B 104 -14.33 21.65 -3.19
CA GLN B 104 -15.55 22.23 -3.73
C GLN B 104 -16.55 22.35 -2.60
N LYS B 105 -17.05 23.57 -2.38
CA LYS B 105 -17.99 23.81 -1.30
C LYS B 105 -19.39 23.30 -1.64
N ASN B 106 -20.19 23.06 -0.60
CA ASN B 106 -21.63 22.78 -0.73
C ASN B 106 -21.91 21.57 -1.62
N ILE B 107 -21.30 20.43 -1.30
CA ILE B 107 -21.48 19.21 -2.06
C ILE B 107 -22.26 18.16 -1.26
N TRP B 108 -21.77 17.81 -0.07
CA TRP B 108 -22.50 16.85 0.76
C TRP B 108 -23.69 17.55 1.39
N THR B 109 -24.84 16.85 1.42
CA THR B 109 -26.06 17.42 1.97
C THR B 109 -26.64 16.65 3.15
N TYR B 110 -26.11 15.48 3.49
CA TYR B 110 -26.60 14.76 4.67
C TYR B 110 -26.45 15.63 5.92
N PRO B 111 -27.55 16.06 6.55
CA PRO B 111 -27.44 17.20 7.49
C PRO B 111 -26.65 16.87 8.75
N LEU B 112 -26.80 15.69 9.33
CA LEU B 112 -26.00 15.34 10.51
C LEU B 112 -24.54 15.16 10.14
N PHE B 113 -24.28 14.58 8.96
CA PHE B 113 -22.92 14.45 8.45
C PHE B 113 -22.25 15.82 8.29
N VAL B 114 -22.96 16.77 7.66
CA VAL B 114 -22.41 18.12 7.46
C VAL B 114 -22.15 18.81 8.80
N ASN B 115 -23.09 18.66 9.75
CA ASN B 115 -22.91 19.31 11.05
C ASN B 115 -21.65 18.79 11.74
N THR B 116 -21.40 17.47 11.66
CA THR B 116 -20.20 16.93 12.29
C THR B 116 -18.93 17.33 11.53
N PHE B 117 -18.99 17.31 10.19
CA PHE B 117 -17.83 17.51 9.35
C PHE B 117 -18.06 18.78 8.54
N SER B 118 -18.35 18.67 7.25
CA SER B 118 -18.79 19.82 6.46
C SER B 118 -19.36 19.30 5.14
N ALA B 119 -19.80 20.24 4.30
CA ALA B 119 -20.28 19.94 2.97
C ALA B 119 -19.17 20.00 1.93
N ASN B 120 -17.93 20.25 2.36
CA ASN B 120 -16.80 20.39 1.45
C ASN B 120 -16.42 19.02 0.88
N ALA B 121 -16.39 18.93 -0.45
CA ALA B 121 -15.77 17.81 -1.12
C ALA B 121 -14.28 18.12 -1.31
N LEU B 122 -13.41 17.23 -0.84
CA LEU B 122 -11.98 17.33 -1.14
C LEU B 122 -11.74 16.99 -2.61
N VAL B 123 -11.02 17.87 -3.33
CA VAL B 123 -10.79 17.71 -4.75
C VAL B 123 -9.32 17.75 -5.12
N GLY B 124 -8.41 17.97 -4.17
CA GLY B 124 -7.00 18.08 -4.49
C GLY B 124 -6.10 18.37 -3.29
N LEU B 125 -4.85 17.93 -3.36
CA LEU B 125 -3.83 18.20 -2.35
C LEU B 125 -2.52 18.50 -3.05
N SER B 126 -1.84 19.58 -2.65
CA SER B 126 -0.58 20.02 -3.26
C SER B 126 0.46 20.21 -2.18
N SER B 127 1.66 19.65 -2.38
CA SER B 127 2.77 19.94 -1.47
C SER B 127 3.23 21.39 -1.66
N CYS B 128 3.79 21.96 -0.60
CA CYS B 128 4.31 23.32 -0.59
C CYS B 128 5.74 23.34 -0.07
N SER B 129 6.60 24.13 -0.71
CA SER B 129 7.80 24.60 -0.03
C SER B 129 7.41 25.74 0.92
N ALA B 130 8.38 26.26 1.68
CA ALA B 130 8.10 27.42 2.53
C ALA B 130 7.64 28.63 1.71
N THR B 131 7.95 28.68 0.41
CA THR B 131 7.64 29.87 -0.35
C THR B 131 6.55 29.68 -1.40
N GLN B 132 6.27 28.46 -1.84
CA GLN B 132 5.16 28.31 -2.79
C GLN B 132 4.64 26.89 -2.80
N CYS B 133 3.36 26.77 -3.14
CA CYS B 133 2.68 25.49 -3.22
C CYS B 133 2.61 25.03 -4.66
N PHE B 134 2.78 23.72 -4.86
CA PHE B 134 2.86 23.12 -6.19
C PHE B 134 1.46 22.71 -6.66
N GLY B 135 0.68 23.72 -7.07
CA GLY B 135 -0.69 23.50 -7.45
C GLY B 135 -1.36 24.76 -7.99
N PRO B 136 -2.57 24.61 -8.50
CA PRO B 136 -3.25 25.76 -9.10
C PRO B 136 -3.63 26.77 -8.03
N LYS B 137 -3.64 28.04 -8.43
CA LYS B 137 -4.09 29.14 -7.58
C LYS B 137 -5.25 29.89 -8.24
N LEU B 138 -5.29 31.22 -8.09
CA LEU B 138 -6.37 32.08 -8.60
C LEU B 138 -7.72 31.84 -7.91
N GLU C 24 4.59 -24.46 -14.40
CA GLU C 24 5.81 -23.67 -14.15
C GLU C 24 5.90 -23.36 -12.68
N TRP C 25 7.13 -23.20 -12.19
CA TRP C 25 7.35 -22.87 -10.79
C TRP C 25 8.64 -22.08 -10.68
N THR C 26 8.61 -21.04 -9.82
CA THR C 26 9.82 -20.35 -9.41
C THR C 26 10.99 -21.31 -9.26
N GLY C 27 10.77 -22.42 -8.56
CA GLY C 27 11.84 -23.35 -8.19
C GLY C 27 12.37 -24.26 -9.28
N ASP C 28 11.70 -24.37 -10.45
CA ASP C 28 12.17 -25.26 -11.51
C ASP C 28 13.67 -25.09 -11.72
N ASN C 29 14.35 -26.18 -12.06
CA ASN C 29 15.80 -26.06 -12.25
C ASN C 29 16.16 -25.47 -13.61
N THR C 30 15.17 -25.18 -14.46
CA THR C 30 15.46 -24.42 -15.67
C THR C 30 15.52 -22.91 -15.42
N ASN C 31 15.22 -22.47 -14.21
CA ASN C 31 15.48 -21.09 -13.82
C ASN C 31 16.85 -21.02 -13.16
N ALA C 32 17.33 -19.80 -12.94
CA ALA C 32 18.62 -19.56 -12.29
C ALA C 32 18.41 -18.70 -11.05
N TYR C 33 19.34 -18.77 -10.11
CA TYR C 33 19.21 -17.94 -8.92
C TYR C 33 20.57 -17.56 -8.36
N TYR C 34 20.58 -16.46 -7.60
CA TYR C 34 21.79 -15.87 -7.04
C TYR C 34 21.49 -15.47 -5.61
N SER C 35 22.24 -16.01 -4.65
CA SER C 35 21.99 -15.80 -3.24
C SER C 35 22.82 -14.63 -2.71
N ASP C 36 22.45 -14.16 -1.52
CA ASP C 36 23.19 -13.11 -0.80
C ASP C 36 23.37 -11.85 -1.64
N GLU C 37 22.30 -11.47 -2.33
CA GLU C 37 22.25 -10.28 -3.15
C GLU C 37 21.43 -9.22 -2.43
N VAL C 38 21.66 -7.97 -2.79
CA VAL C 38 20.91 -6.84 -2.26
C VAL C 38 20.39 -6.02 -3.43
N ILE C 39 19.10 -5.73 -3.46
CA ILE C 39 18.55 -4.89 -4.51
C ILE C 39 19.09 -3.49 -4.36
N SER C 40 19.84 -3.02 -5.37
CA SER C 40 20.51 -1.72 -5.29
C SER C 40 19.93 -0.65 -6.21
N GLU C 41 19.16 -1.02 -7.23
CA GLU C 41 18.53 -0.04 -8.10
C GLU C 41 17.14 -0.54 -8.50
N LEU C 42 16.26 0.41 -8.84
CA LEU C 42 14.88 0.09 -9.19
C LEU C 42 14.38 1.06 -10.26
N HIS C 43 13.71 0.54 -11.28
CA HIS C 43 13.22 1.34 -12.39
C HIS C 43 11.80 0.91 -12.71
N VAL C 44 10.95 1.86 -13.09
CA VAL C 44 9.60 1.55 -13.57
C VAL C 44 9.34 2.31 -14.86
N GLY C 45 8.53 1.69 -15.73
CA GLY C 45 8.22 2.27 -17.02
C GLY C 45 7.11 1.50 -17.69
N GLN C 46 7.00 1.65 -19.00
CA GLN C 46 5.98 0.97 -19.80
C GLN C 46 6.58 0.63 -21.16
N ILE C 47 6.19 -0.52 -21.71
CA ILE C 47 6.58 -0.94 -23.04
C ILE C 47 5.40 -1.68 -23.68
N ASP C 48 5.05 -1.28 -24.91
CA ASP C 48 3.99 -1.94 -25.68
C ASP C 48 2.71 -2.11 -24.86
N THR C 49 2.28 -1.01 -24.21
CA THR C 49 1.09 -0.88 -23.38
C THR C 49 1.20 -1.61 -22.06
N SER C 50 2.35 -2.17 -21.75
CA SER C 50 2.46 -2.95 -20.52
C SER C 50 3.34 -2.23 -19.50
N PRO C 51 2.85 -1.90 -18.31
CA PRO C 51 3.76 -1.45 -17.26
C PRO C 51 4.78 -2.53 -16.97
N TYR C 52 5.99 -2.11 -16.56
CA TYR C 52 7.06 -3.04 -16.21
C TYR C 52 7.95 -2.39 -15.17
N PHE C 53 8.72 -3.23 -14.46
CA PHE C 53 9.78 -2.72 -13.61
C PHE C 53 11.00 -3.63 -13.74
N CYS C 54 12.17 -3.05 -13.48
CA CYS C 54 13.42 -3.80 -13.44
C CYS C 54 14.12 -3.50 -12.12
N ILE C 55 14.90 -4.47 -11.66
CA ILE C 55 15.77 -4.30 -10.51
C ILE C 55 17.19 -4.68 -10.88
N LYS C 56 18.12 -4.18 -10.09
CA LYS C 56 19.52 -4.57 -10.14
C LYS C 56 19.90 -5.01 -8.74
N THR C 57 20.63 -6.12 -8.66
CA THR C 57 21.12 -6.62 -7.39
C THR C 57 22.63 -6.81 -7.50
N VAL C 58 23.31 -6.64 -6.37
CA VAL C 58 24.75 -6.83 -6.23
C VAL C 58 25.00 -7.69 -5.01
N LYS C 59 26.06 -8.49 -5.05
CA LYS C 59 26.44 -9.29 -3.89
C LYS C 59 26.67 -8.40 -2.67
N ALA C 60 26.15 -8.83 -1.53
CA ALA C 60 26.32 -8.06 -0.30
C ALA C 60 27.80 -7.91 0.04
N ASN C 61 28.62 -8.92 -0.29
CA ASN C 61 30.05 -8.88 -0.02
C ASN C 61 30.85 -8.18 -1.10
N GLY C 62 30.19 -7.61 -2.12
CA GLY C 62 30.87 -6.80 -3.11
C GLY C 62 31.50 -7.54 -4.28
N SER C 63 31.49 -8.86 -4.28
CA SER C 63 32.10 -9.66 -5.34
C SER C 63 31.15 -9.86 -6.52
N GLY C 64 31.68 -10.47 -7.58
CA GLY C 64 30.86 -10.83 -8.72
C GLY C 64 30.43 -9.62 -9.53
N ILE C 65 29.47 -9.87 -10.41
CA ILE C 65 28.88 -8.84 -11.27
C ILE C 65 27.40 -8.73 -10.92
N PRO C 66 26.78 -7.59 -11.22
CA PRO C 66 25.37 -7.40 -10.84
C PRO C 66 24.44 -8.36 -11.58
N VAL C 67 23.28 -8.60 -10.98
CA VAL C 67 22.18 -9.29 -11.65
C VAL C 67 21.10 -8.25 -11.98
N VAL C 68 20.60 -8.30 -13.21
CA VAL C 68 19.50 -7.46 -13.67
C VAL C 68 18.35 -8.38 -14.09
N ALA C 69 17.14 -8.07 -13.64
CA ALA C 69 15.94 -8.79 -14.05
C ALA C 69 14.77 -7.82 -14.11
N CYS C 70 13.80 -8.13 -14.96
CA CYS C 70 12.60 -7.31 -15.14
C CYS C 70 11.36 -8.20 -15.11
N ALA C 71 10.23 -7.60 -14.76
CA ALA C 71 8.91 -8.21 -14.91
C ALA C 71 8.05 -7.28 -15.76
N VAL C 72 7.26 -7.87 -16.65
CA VAL C 72 6.43 -7.13 -17.59
C VAL C 72 4.99 -7.60 -17.41
N SER C 73 4.09 -6.64 -17.16
CA SER C 73 2.80 -6.93 -16.56
C SER C 73 1.95 -7.90 -17.38
N LYS C 74 2.03 -7.84 -18.70
CA LYS C 74 1.18 -8.79 -19.41
C LYS C 74 2.00 -9.64 -20.38
N GLN C 75 3.24 -9.96 -20.04
CA GLN C 75 4.10 -10.72 -20.92
C GLN C 75 4.79 -11.85 -20.17
N SER C 76 5.00 -12.96 -20.87
CA SER C 76 5.65 -14.16 -20.35
C SER C 76 4.70 -14.92 -19.45
N ILE C 77 5.06 -16.17 -19.17
CA ILE C 77 4.30 -17.01 -18.24
C ILE C 77 4.29 -16.43 -16.83
N TRP C 78 5.19 -15.51 -16.52
CA TRP C 78 5.28 -14.94 -15.19
C TRP C 78 4.40 -13.70 -14.98
N ALA C 79 3.73 -13.22 -16.03
CA ALA C 79 2.77 -12.11 -15.92
C ALA C 79 1.90 -12.13 -14.67
N PRO C 80 1.27 -13.24 -14.27
CA PRO C 80 0.38 -13.18 -13.09
C PRO C 80 1.01 -12.61 -11.82
N SER C 81 2.31 -12.76 -11.61
CA SER C 81 2.87 -12.34 -10.34
C SER C 81 3.55 -10.97 -10.42
N PHE C 82 3.20 -10.18 -11.43
CA PHE C 82 3.82 -8.87 -11.61
C PHE C 82 3.67 -7.99 -10.38
N LYS C 83 2.44 -7.88 -9.86
CA LYS C 83 2.21 -6.96 -8.75
C LYS C 83 2.89 -7.47 -7.49
N GLU C 84 2.74 -8.77 -7.21
CA GLU C 84 3.36 -9.34 -6.02
C GLU C 84 4.87 -9.14 -6.04
N LEU C 85 5.51 -9.40 -7.18
CA LEU C 85 6.96 -9.23 -7.25
C LEU C 85 7.37 -7.77 -7.16
N LEU C 86 6.57 -6.85 -7.72
CA LEU C 86 6.87 -5.43 -7.62
C LEU C 86 6.80 -4.96 -6.17
N ASP C 87 5.74 -5.36 -5.45
CA ASP C 87 5.62 -4.97 -4.04
C ASP C 87 6.76 -5.55 -3.22
N GLN C 88 7.12 -6.82 -3.48
CA GLN C 88 8.17 -7.45 -2.68
C GLN C 88 9.53 -6.85 -3.01
N ALA C 89 9.78 -6.55 -4.29
CA ALA C 89 11.02 -5.90 -4.68
C ALA C 89 11.17 -4.55 -3.97
N ARG C 90 10.10 -3.75 -3.97
CA ARG C 90 10.14 -2.46 -3.28
C ARG C 90 10.44 -2.65 -1.80
N TYR C 91 9.81 -3.64 -1.17
CA TYR C 91 10.06 -3.89 0.24
C TYR C 91 11.53 -4.22 0.48
N PHE C 92 12.09 -5.14 -0.29
CA PHE C 92 13.47 -5.55 -0.04
C PHE C 92 14.45 -4.45 -0.41
N TYR C 93 14.13 -3.67 -1.43
CA TYR C 93 14.96 -2.52 -1.80
C TYR C 93 15.05 -1.52 -0.65
N SER C 94 13.94 -1.23 0.00
CA SER C 94 13.97 -0.24 1.08
C SER C 94 14.60 -0.80 2.34
N THR C 95 14.60 -2.11 2.56
CA THR C 95 15.30 -2.62 3.74
C THR C 95 16.77 -2.90 3.47
N GLY C 96 17.16 -3.12 2.21
CA GLY C 96 18.53 -3.46 1.91
C GLY C 96 18.95 -4.85 2.35
N GLN C 97 18.00 -5.74 2.61
CA GLN C 97 18.43 -7.00 3.18
C GLN C 97 18.89 -7.97 2.10
N SER C 98 19.64 -8.96 2.56
CA SER C 98 20.20 -9.98 1.69
C SER C 98 19.10 -10.95 1.22
N VAL C 99 19.02 -11.16 -0.10
CA VAL C 99 17.97 -11.99 -0.67
C VAL C 99 18.60 -12.94 -1.70
N ARG C 100 17.81 -13.95 -2.07
CA ARG C 100 18.07 -14.76 -3.24
C ARG C 100 17.13 -14.32 -4.35
N ILE C 101 17.68 -13.96 -5.50
CA ILE C 101 16.86 -13.56 -6.63
C ILE C 101 16.76 -14.74 -7.59
N HIS C 102 15.55 -15.03 -8.05
CA HIS C 102 15.28 -16.11 -8.98
C HIS C 102 14.83 -15.51 -10.31
N VAL C 103 15.47 -15.95 -11.41
CA VAL C 103 15.13 -15.43 -12.73
C VAL C 103 14.98 -16.61 -13.70
N GLN C 104 14.37 -16.31 -14.85
CA GLN C 104 14.44 -17.18 -16.02
C GLN C 104 15.11 -16.40 -17.13
N LYS C 105 16.18 -16.94 -17.68
CA LYS C 105 17.03 -16.25 -18.64
C LYS C 105 16.42 -16.22 -20.04
N ASN C 106 16.87 -15.23 -20.82
CA ASN C 106 16.55 -15.12 -22.25
C ASN C 106 15.05 -15.08 -22.53
N ILE C 107 14.34 -14.23 -21.82
CA ILE C 107 12.89 -14.09 -22.02
C ILE C 107 12.57 -12.81 -22.80
N TRP C 108 13.12 -11.66 -22.40
CA TRP C 108 12.84 -10.44 -23.13
C TRP C 108 13.71 -10.35 -24.38
N THR C 109 13.13 -9.82 -25.46
CA THR C 109 13.78 -9.82 -26.78
C THR C 109 14.00 -8.47 -27.42
N TYR C 110 13.39 -7.39 -26.93
CA TYR C 110 13.58 -6.09 -27.58
C TYR C 110 15.01 -5.58 -27.37
N PRO C 111 15.81 -5.43 -28.43
CA PRO C 111 17.26 -5.26 -28.22
C PRO C 111 17.64 -4.06 -27.38
N LEU C 112 17.07 -2.87 -27.64
CA LEU C 112 17.47 -1.73 -26.81
C LEU C 112 17.07 -1.94 -25.34
N PHE C 113 15.97 -2.65 -25.10
CA PHE C 113 15.52 -2.95 -23.73
C PHE C 113 16.50 -3.92 -23.07
N VAL C 114 16.82 -5.01 -23.76
CA VAL C 114 17.78 -5.98 -23.25
C VAL C 114 19.11 -5.32 -22.98
N ASN C 115 19.57 -4.46 -23.89
CA ASN C 115 20.87 -3.80 -23.70
C ASN C 115 20.83 -2.83 -22.53
N THR C 116 19.70 -2.15 -22.31
CA THR C 116 19.60 -1.27 -21.16
C THR C 116 19.56 -2.08 -19.86
N PHE C 117 18.81 -3.18 -19.86
CA PHE C 117 18.53 -3.94 -18.66
C PHE C 117 19.10 -5.34 -18.86
N SER C 118 18.24 -6.33 -19.11
CA SER C 118 18.70 -7.67 -19.48
C SER C 118 17.50 -8.42 -20.04
N ALA C 119 17.72 -9.67 -20.41
CA ALA C 119 16.64 -10.53 -20.88
C ALA C 119 16.04 -11.37 -19.77
N ASN C 120 16.54 -11.25 -18.54
CA ASN C 120 16.04 -12.04 -17.42
C ASN C 120 14.63 -11.64 -17.02
N ALA C 121 13.75 -12.62 -16.93
CA ALA C 121 12.46 -12.43 -16.28
C ALA C 121 12.64 -12.66 -14.79
N LEU C 122 12.02 -11.81 -13.97
CA LEU C 122 12.07 -12.00 -12.53
C LEU C 122 10.97 -12.98 -12.12
N VAL C 123 11.33 -14.05 -11.40
CA VAL C 123 10.37 -15.09 -11.06
C VAL C 123 10.27 -15.37 -9.56
N GLY C 124 11.12 -14.78 -8.72
CA GLY C 124 10.95 -15.00 -7.31
C GLY C 124 11.97 -14.25 -6.48
N LEU C 125 11.64 -13.95 -5.22
CA LEU C 125 12.57 -13.33 -4.28
C LEU C 125 12.46 -14.05 -2.94
N SER C 126 13.59 -14.36 -2.34
CA SER C 126 13.66 -15.13 -1.10
C SER C 126 14.55 -14.39 -0.11
N SER C 127 14.02 -14.09 1.07
CA SER C 127 14.86 -13.52 2.12
C SER C 127 15.90 -14.55 2.57
N CYS C 128 17.06 -14.05 2.97
CA CYS C 128 18.17 -14.91 3.41
C CYS C 128 18.57 -14.52 4.83
N SER C 129 18.91 -15.51 5.65
CA SER C 129 19.62 -15.24 6.89
C SER C 129 21.12 -15.13 6.58
N ALA C 130 21.95 -15.11 7.62
CA ALA C 130 23.39 -15.17 7.39
C ALA C 130 23.83 -16.53 6.86
N THR C 131 23.04 -17.58 7.10
CA THR C 131 23.42 -18.95 6.79
C THR C 131 22.64 -19.57 5.64
N GLN C 132 21.35 -19.27 5.50
CA GLN C 132 20.51 -19.94 4.51
C GLN C 132 19.65 -18.89 3.82
N CYS C 133 19.10 -19.27 2.66
CA CYS C 133 18.03 -18.52 2.01
C CYS C 133 16.76 -19.36 2.00
N PHE C 134 15.63 -18.72 2.30
CA PHE C 134 14.35 -19.40 2.44
C PHE C 134 13.66 -19.47 1.07
N GLY C 135 14.07 -20.47 0.28
CA GLY C 135 13.52 -20.66 -1.04
C GLY C 135 14.21 -21.80 -1.78
N PRO C 136 13.69 -22.17 -2.94
CA PRO C 136 14.22 -23.34 -3.65
C PRO C 136 15.65 -23.11 -4.11
N LYS C 137 16.37 -24.23 -4.28
CA LYS C 137 17.81 -24.23 -4.38
C LYS C 137 18.31 -25.35 -5.31
N GLU D 24 -16.46 -22.63 6.81
CA GLU D 24 -15.08 -22.81 7.26
C GLU D 24 -14.66 -21.60 8.06
N TRP D 25 -13.61 -21.75 8.85
CA TRP D 25 -13.14 -20.64 9.67
C TRP D 25 -11.70 -20.90 10.05
N THR D 26 -10.89 -19.84 10.03
CA THR D 26 -9.56 -19.86 10.61
C THR D 26 -9.53 -20.61 11.94
N GLY D 27 -10.48 -20.31 12.82
CA GLY D 27 -10.55 -20.89 14.14
C GLY D 27 -11.08 -22.30 14.28
N ASP D 28 -11.51 -22.95 13.20
CA ASP D 28 -11.95 -24.35 13.29
C ASP D 28 -10.89 -25.19 14.01
N ASN D 29 -11.35 -26.07 14.89
CA ASN D 29 -10.42 -26.93 15.62
C ASN D 29 -9.74 -27.97 14.73
N THR D 30 -10.20 -28.14 13.48
CA THR D 30 -9.48 -29.00 12.55
C THR D 30 -8.26 -28.31 11.94
N ASN D 31 -8.04 -27.04 12.25
CA ASN D 31 -6.83 -26.32 11.87
C ASN D 31 -5.83 -26.38 13.03
N ALA D 32 -4.59 -26.00 12.74
CA ALA D 32 -3.53 -26.01 13.72
C ALA D 32 -2.97 -24.61 13.91
N TYR D 33 -2.40 -24.33 15.08
CA TYR D 33 -1.84 -23.02 15.33
C TYR D 33 -0.65 -23.16 16.28
N TYR D 34 0.28 -22.21 16.15
CA TYR D 34 1.49 -22.17 16.99
C TYR D 34 1.64 -20.74 17.50
N SER D 35 1.77 -20.61 18.82
CA SER D 35 1.77 -19.30 19.49
C SER D 35 3.18 -18.81 19.74
N ASP D 36 3.28 -17.49 19.94
CA ASP D 36 4.53 -16.86 20.38
C ASP D 36 5.66 -17.08 19.36
N GLU D 37 5.33 -16.95 18.08
CA GLU D 37 6.29 -17.12 17.01
C GLU D 37 6.67 -15.76 16.43
N VAL D 38 7.79 -15.74 15.72
CA VAL D 38 8.22 -14.57 14.96
C VAL D 38 8.36 -15.00 13.50
N ILE D 39 7.83 -14.19 12.59
CA ILE D 39 8.05 -14.47 11.17
C ILE D 39 9.49 -14.07 10.84
N SER D 40 10.32 -15.05 10.55
CA SER D 40 11.75 -14.82 10.34
C SER D 40 12.16 -14.81 8.88
N GLU D 41 11.37 -15.39 7.98
CA GLU D 41 11.73 -15.42 6.57
C GLU D 41 10.46 -15.34 5.72
N LEU D 42 10.61 -14.76 4.53
CA LEU D 42 9.50 -14.50 3.62
C LEU D 42 9.96 -14.79 2.19
N HIS D 43 9.12 -15.48 1.42
CA HIS D 43 9.45 -15.83 0.04
C HIS D 43 8.27 -15.56 -0.86
N VAL D 44 8.52 -15.07 -2.08
CA VAL D 44 7.46 -14.87 -3.05
C VAL D 44 7.89 -15.48 -4.38
N GLY D 45 6.92 -16.05 -5.10
CA GLY D 45 7.15 -16.64 -6.39
C GLY D 45 5.83 -16.95 -7.07
N GLN D 46 5.87 -17.90 -8.02
CA GLN D 46 4.69 -18.29 -8.78
C GLN D 46 4.69 -19.80 -9.03
N ILE D 47 3.50 -20.40 -9.03
CA ILE D 47 3.34 -21.83 -9.30
C ILE D 47 2.02 -22.01 -10.06
N ASP D 48 2.09 -22.68 -11.20
CA ASP D 48 0.92 -23.03 -12.00
C ASP D 48 -0.06 -21.86 -12.15
N THR D 49 0.47 -20.74 -12.67
CA THR D 49 -0.18 -19.45 -12.93
C THR D 49 -0.55 -18.68 -11.67
N SER D 50 -0.28 -19.20 -10.47
CA SER D 50 -0.68 -18.56 -9.22
C SER D 50 0.51 -17.92 -8.52
N PRO D 51 0.55 -16.59 -8.37
CA PRO D 51 1.51 -16.02 -7.42
C PRO D 51 1.25 -16.59 -6.05
N TYR D 52 2.32 -16.83 -5.30
CA TYR D 52 2.17 -17.36 -3.95
C TYR D 52 3.24 -16.73 -3.05
N PHE D 53 3.09 -16.91 -1.75
CA PHE D 53 4.16 -16.56 -0.83
C PHE D 53 4.24 -17.61 0.26
N CYS D 54 5.44 -17.80 0.81
CA CYS D 54 5.61 -18.64 2.00
C CYS D 54 6.33 -17.86 3.09
N ILE D 55 6.01 -18.19 4.33
CA ILE D 55 6.69 -17.64 5.49
C ILE D 55 7.26 -18.78 6.32
N LYS D 56 8.33 -18.47 7.03
CA LYS D 56 8.91 -19.34 8.03
C LYS D 56 8.83 -18.60 9.36
N THR D 57 8.43 -19.29 10.42
CA THR D 57 8.39 -18.67 11.74
C THR D 57 9.11 -19.54 12.75
N VAL D 58 9.64 -18.90 13.79
CA VAL D 58 10.30 -19.58 14.90
C VAL D 58 9.79 -19.03 16.22
N LYS D 59 9.84 -19.87 17.27
CA LYS D 59 9.49 -19.40 18.60
C LYS D 59 10.33 -18.19 18.99
N ALA D 60 9.67 -17.19 19.59
CA ALA D 60 10.38 -15.98 19.99
C ALA D 60 11.49 -16.26 20.99
N ASN D 61 11.34 -17.29 21.83
CA ASN D 61 12.36 -17.59 22.83
C ASN D 61 13.51 -18.42 22.27
N GLY D 62 13.48 -18.78 20.99
CA GLY D 62 14.57 -19.52 20.40
C GLY D 62 14.48 -21.03 20.49
N SER D 63 13.44 -21.56 21.11
CA SER D 63 13.26 -23.00 21.20
C SER D 63 12.40 -23.52 20.05
N GLY D 64 12.28 -24.83 19.98
CA GLY D 64 11.33 -25.43 19.09
C GLY D 64 11.84 -25.57 17.67
N ILE D 65 10.94 -26.01 16.81
CA ILE D 65 11.23 -26.29 15.41
C ILE D 65 10.48 -25.23 14.61
N PRO D 66 11.01 -24.79 13.46
CA PRO D 66 10.29 -23.78 12.67
C PRO D 66 8.95 -24.28 12.18
N VAL D 67 8.04 -23.32 11.94
CA VAL D 67 6.81 -23.55 11.18
C VAL D 67 6.96 -22.93 9.80
N VAL D 68 6.50 -23.65 8.77
CA VAL D 68 6.47 -23.16 7.40
C VAL D 68 5.05 -23.27 6.86
N ALA D 69 4.58 -22.22 6.19
CA ALA D 69 3.25 -22.22 5.60
C ALA D 69 3.25 -21.30 4.38
N CYS D 70 2.37 -21.60 3.44
CA CYS D 70 2.25 -20.83 2.21
C CYS D 70 0.79 -20.48 1.94
N ALA D 71 0.59 -19.39 1.21
CA ALA D 71 -0.70 -19.00 0.65
C ALA D 71 -0.54 -18.91 -0.85
N VAL D 72 -1.51 -19.44 -1.60
CA VAL D 72 -1.42 -19.52 -3.06
C VAL D 72 -2.67 -18.86 -3.65
N SER D 73 -2.46 -17.85 -4.50
CA SER D 73 -3.59 -17.10 -5.08
C SER D 73 -4.45 -17.99 -5.95
N LYS D 74 -5.77 -17.84 -5.79
CA LYS D 74 -6.75 -18.61 -6.55
C LYS D 74 -6.65 -20.11 -6.30
N GLN D 75 -6.03 -20.54 -5.19
CA GLN D 75 -5.95 -21.95 -4.85
C GLN D 75 -6.34 -22.19 -3.40
N SER D 76 -7.06 -23.30 -3.18
CA SER D 76 -7.58 -23.76 -1.89
C SER D 76 -8.80 -22.94 -1.50
N ILE D 77 -9.55 -23.40 -0.49
CA ILE D 77 -10.69 -22.63 0.01
C ILE D 77 -10.25 -21.30 0.58
N TRP D 78 -8.94 -21.12 0.87
CA TRP D 78 -8.42 -19.91 1.52
C TRP D 78 -8.04 -18.82 0.52
N ALA D 79 -8.26 -19.06 -0.77
CA ALA D 79 -7.87 -18.09 -1.79
C ALA D 79 -8.43 -16.69 -1.57
N PRO D 80 -9.69 -16.50 -1.12
CA PRO D 80 -10.19 -15.12 -0.95
C PRO D 80 -9.31 -14.25 -0.08
N SER D 81 -8.57 -14.84 0.85
CA SER D 81 -7.81 -14.08 1.84
C SER D 81 -6.35 -13.89 1.45
N PHE D 82 -5.98 -14.24 0.21
CA PHE D 82 -4.58 -14.26 -0.17
C PHE D 82 -3.92 -12.89 0.02
N LYS D 83 -4.52 -11.84 -0.51
CA LYS D 83 -3.90 -10.52 -0.42
C LYS D 83 -3.85 -10.03 1.02
N GLU D 84 -4.94 -10.24 1.77
CA GLU D 84 -4.97 -9.84 3.18
C GLU D 84 -3.86 -10.53 3.97
N LEU D 85 -3.68 -11.83 3.77
CA LEU D 85 -2.65 -12.56 4.50
C LEU D 85 -1.27 -12.13 4.06
N LEU D 86 -1.09 -11.83 2.77
CA LEU D 86 0.22 -11.37 2.32
C LEU D 86 0.56 -10.02 2.95
N ASP D 87 -0.38 -9.09 2.92
CA ASP D 87 -0.14 -7.79 3.52
C ASP D 87 0.19 -7.93 5.01
N GLN D 88 -0.60 -8.74 5.74
CA GLN D 88 -0.41 -8.86 7.18
C GLN D 88 0.91 -9.58 7.51
N ALA D 89 1.25 -10.63 6.76
CA ALA D 89 2.53 -11.30 7.00
C ALA D 89 3.71 -10.36 6.72
N ARG D 90 3.58 -9.49 5.70
CA ARG D 90 4.63 -8.49 5.47
C ARG D 90 4.77 -7.57 6.67
N TYR D 91 3.64 -7.16 7.26
CA TYR D 91 3.73 -6.24 8.38
C TYR D 91 4.40 -6.92 9.57
N PHE D 92 3.88 -8.09 9.96
CA PHE D 92 4.44 -8.78 11.13
C PHE D 92 5.88 -9.19 10.87
N TYR D 93 6.21 -9.55 9.62
CA TYR D 93 7.61 -9.79 9.27
C TYR D 93 8.47 -8.55 9.51
N SER D 94 7.96 -7.37 9.19
CA SER D 94 8.80 -6.18 9.31
C SER D 94 9.01 -5.74 10.75
N THR D 95 8.07 -6.04 11.65
CA THR D 95 8.23 -5.65 13.04
C THR D 95 8.90 -6.72 13.87
N GLY D 96 8.92 -7.97 13.40
CA GLY D 96 9.51 -9.04 14.20
C GLY D 96 8.76 -9.34 15.48
N GLN D 97 7.52 -8.86 15.60
CA GLN D 97 6.77 -9.04 16.83
C GLN D 97 6.22 -10.45 16.93
N SER D 98 5.88 -10.84 18.16
CA SER D 98 5.41 -12.19 18.46
C SER D 98 3.98 -12.37 17.98
N VAL D 99 3.72 -13.52 17.34
CA VAL D 99 2.46 -13.81 16.68
C VAL D 99 2.07 -15.26 16.92
N ARG D 100 0.78 -15.55 16.73
CA ARG D 100 0.29 -16.91 16.55
C ARG D 100 -0.03 -17.12 15.08
N ILE D 101 0.51 -18.18 14.50
CA ILE D 101 0.26 -18.51 13.09
C ILE D 101 -0.73 -19.66 13.06
N HIS D 102 -1.76 -19.53 12.22
CA HIS D 102 -2.82 -20.51 12.06
C HIS D 102 -2.71 -21.15 10.68
N VAL D 103 -2.78 -22.49 10.61
CA VAL D 103 -2.60 -23.21 9.34
C VAL D 103 -3.61 -24.34 9.22
N GLN D 104 -3.85 -24.75 7.97
CA GLN D 104 -4.51 -26.03 7.69
C GLN D 104 -3.51 -26.96 7.01
N LYS D 105 -3.38 -28.17 7.54
CA LYS D 105 -2.35 -29.09 7.09
C LYS D 105 -2.78 -29.83 5.84
N ASN D 106 -1.79 -30.31 5.09
CA ASN D 106 -1.99 -31.23 3.97
C ASN D 106 -2.92 -30.66 2.90
N ILE D 107 -2.59 -29.46 2.41
CA ILE D 107 -3.38 -28.78 1.38
C ILE D 107 -2.65 -28.76 0.03
N TRP D 108 -1.41 -28.28 0.01
CA TRP D 108 -0.65 -28.29 -1.25
C TRP D 108 -0.21 -29.72 -1.55
N THR D 109 -0.31 -30.14 -2.82
CA THR D 109 -0.01 -31.52 -3.18
C THR D 109 1.21 -31.70 -4.06
N TYR D 110 1.72 -30.64 -4.68
CA TYR D 110 2.90 -30.79 -5.54
C TYR D 110 4.08 -31.22 -4.68
N PRO D 111 4.59 -32.46 -4.85
CA PRO D 111 5.58 -32.99 -3.89
C PRO D 111 6.85 -32.14 -3.79
N LEU D 112 7.37 -31.65 -4.91
CA LEU D 112 8.59 -30.85 -4.86
C LEU D 112 8.36 -29.56 -4.11
N PHE D 113 7.22 -28.91 -4.36
CA PHE D 113 6.87 -27.71 -3.63
C PHE D 113 6.76 -28.02 -2.14
N VAL D 114 6.02 -29.08 -1.80
CA VAL D 114 5.88 -29.44 -0.38
C VAL D 114 7.24 -29.71 0.23
N ASN D 115 8.12 -30.38 -0.52
CA ASN D 115 9.43 -30.71 0.01
C ASN D 115 10.26 -29.45 0.25
N THR D 116 10.14 -28.47 -0.65
CA THR D 116 10.86 -27.21 -0.44
C THR D 116 10.26 -26.41 0.69
N PHE D 117 8.93 -26.34 0.78
CA PHE D 117 8.28 -25.47 1.74
C PHE D 117 7.48 -26.34 2.70
N SER D 118 6.18 -26.49 2.48
CA SER D 118 5.33 -27.28 3.35
C SER D 118 4.01 -27.50 2.62
N ALA D 119 3.23 -28.44 3.11
CA ALA D 119 1.86 -28.62 2.62
C ALA D 119 0.87 -27.73 3.36
N ASN D 120 1.34 -26.93 4.32
CA ASN D 120 0.47 -26.09 5.14
C ASN D 120 -0.07 -24.93 4.33
N ALA D 121 -1.40 -24.76 4.38
CA ALA D 121 -2.03 -23.52 3.95
C ALA D 121 -2.09 -22.56 5.12
N LEU D 122 -1.69 -21.31 4.90
CA LEU D 122 -1.80 -20.29 5.93
C LEU D 122 -3.24 -19.79 5.98
N VAL D 123 -3.82 -19.74 7.18
CA VAL D 123 -5.23 -19.39 7.31
C VAL D 123 -5.48 -18.27 8.31
N GLY D 124 -4.45 -17.77 8.99
CA GLY D 124 -4.65 -16.62 9.87
C GLY D 124 -3.39 -16.24 10.62
N LEU D 125 -3.41 -15.01 11.13
CA LEU D 125 -2.29 -14.47 11.88
C LEU D 125 -2.87 -13.61 12.99
N SER D 126 -2.37 -13.81 14.21
CA SER D 126 -2.84 -13.08 15.38
C SER D 126 -1.65 -12.49 16.11
N SER D 127 -1.75 -11.22 16.52
CA SER D 127 -0.73 -10.68 17.40
C SER D 127 -0.83 -11.33 18.78
N CYS D 128 0.31 -11.53 19.43
CA CYS D 128 0.37 -12.04 20.80
C CYS D 128 1.01 -11.02 21.72
N SER D 129 0.42 -10.82 22.89
CA SER D 129 1.05 -9.99 23.91
C SER D 129 2.01 -10.87 24.73
N ALA D 130 2.59 -10.29 25.79
CA ALA D 130 3.35 -11.11 26.72
C ALA D 130 2.49 -12.16 27.38
N THR D 131 1.18 -11.95 27.41
CA THR D 131 0.20 -12.72 28.18
C THR D 131 -0.65 -13.65 27.35
N GLN D 132 -1.08 -13.23 26.16
CA GLN D 132 -2.09 -13.98 25.41
C GLN D 132 -1.97 -13.61 23.93
N CYS D 133 -2.57 -14.45 23.11
CA CYS D 133 -2.65 -14.20 21.67
C CYS D 133 -4.07 -13.81 21.30
N PHE D 134 -4.19 -12.84 20.41
CA PHE D 134 -5.49 -12.25 20.10
C PHE D 134 -6.09 -13.00 18.91
N GLY D 135 -6.63 -14.18 19.20
CA GLY D 135 -7.18 -15.02 18.16
C GLY D 135 -7.64 -16.36 18.70
N PRO D 136 -8.22 -17.18 17.83
CA PRO D 136 -8.84 -18.44 18.29
C PRO D 136 -7.80 -19.45 18.74
N LYS D 137 -8.22 -20.31 19.65
CA LYS D 137 -7.34 -21.34 20.18
C LYS D 137 -8.04 -22.70 20.29
N GLU E 24 -27.68 4.56 6.68
CA GLU E 24 -26.78 4.18 7.76
C GLU E 24 -25.59 5.13 7.77
N TRP E 25 -25.03 5.37 8.96
CA TRP E 25 -23.88 6.23 9.10
C TRP E 25 -23.09 5.80 10.33
N THR E 26 -21.76 5.80 10.18
CA THR E 26 -20.84 5.66 11.29
C THR E 26 -21.33 6.40 12.54
N GLY E 27 -21.83 7.63 12.36
CA GLY E 27 -22.19 8.49 13.47
C GLY E 27 -23.58 8.30 14.04
N ASP E 28 -24.36 7.34 13.52
CA ASP E 28 -25.72 7.11 13.98
C ASP E 28 -25.76 6.84 15.49
N ASN E 29 -26.78 7.45 16.13
CA ASN E 29 -27.26 7.20 17.47
C ASN E 29 -27.10 5.76 17.95
N THR E 30 -27.57 4.84 17.13
CA THR E 30 -27.65 3.43 17.49
C THR E 30 -26.31 2.72 17.45
N ASN E 31 -25.24 3.39 17.01
CA ASN E 31 -23.88 2.89 17.15
C ASN E 31 -23.26 3.40 18.45
N ALA E 32 -22.20 2.72 18.89
CA ALA E 32 -21.47 3.11 20.10
C ALA E 32 -20.03 3.49 19.75
N TYR E 33 -19.42 4.30 20.61
CA TYR E 33 -18.04 4.69 20.39
C TYR E 33 -17.30 4.80 21.72
N TYR E 34 -15.97 4.76 21.62
CA TYR E 34 -15.07 4.77 22.78
C TYR E 34 -13.87 5.60 22.39
N SER E 35 -13.61 6.67 23.15
CA SER E 35 -12.63 7.66 22.77
C SER E 35 -11.29 7.43 23.46
N ASP E 36 -10.25 8.04 22.91
CA ASP E 36 -8.87 7.94 23.41
C ASP E 36 -8.49 6.49 23.70
N GLU E 37 -8.58 5.67 22.65
CA GLU E 37 -8.21 4.27 22.72
C GLU E 37 -6.98 4.02 21.87
N VAL E 38 -6.25 2.95 22.21
CA VAL E 38 -5.05 2.55 21.49
C VAL E 38 -5.28 1.14 20.96
N ILE E 39 -4.98 0.94 19.67
CA ILE E 39 -5.13 -0.39 19.09
C ILE E 39 -3.97 -1.25 19.60
N SER E 40 -4.27 -2.24 20.42
CA SER E 40 -3.23 -3.04 21.05
C SER E 40 -3.05 -4.41 20.41
N GLU E 41 -4.04 -4.91 19.68
CA GLU E 41 -3.91 -6.20 19.01
C GLU E 41 -4.64 -6.18 17.67
N LEU E 42 -4.17 -7.02 16.75
CA LEU E 42 -4.78 -7.13 15.43
C LEU E 42 -4.69 -8.58 14.97
N HIS E 43 -5.76 -9.05 14.33
CA HIS E 43 -5.88 -10.42 13.85
C HIS E 43 -6.52 -10.38 12.47
N VAL E 44 -6.08 -11.26 11.58
CA VAL E 44 -6.71 -11.44 10.27
C VAL E 44 -6.94 -12.92 10.04
N GLY E 45 -8.05 -13.23 9.37
CA GLY E 45 -8.40 -14.58 9.01
C GLY E 45 -9.46 -14.61 7.93
N GLN E 46 -10.15 -15.74 7.83
CA GLN E 46 -11.22 -15.95 6.87
C GLN E 46 -12.35 -16.71 7.54
N ILE E 47 -13.59 -16.41 7.16
CA ILE E 47 -14.75 -17.16 7.61
C ILE E 47 -15.82 -17.16 6.53
N ASP E 48 -16.33 -18.34 6.20
CA ASP E 48 -17.39 -18.50 5.21
C ASP E 48 -17.07 -17.77 3.91
N THR E 49 -15.89 -18.06 3.37
CA THR E 49 -15.32 -17.49 2.15
C THR E 49 -14.97 -16.02 2.28
N SER E 50 -15.21 -15.38 3.42
CA SER E 50 -14.94 -13.97 3.50
C SER E 50 -13.73 -13.68 4.37
N PRO E 51 -12.76 -12.91 3.88
CA PRO E 51 -11.72 -12.42 4.77
C PRO E 51 -12.29 -11.47 5.80
N TYR E 52 -11.67 -11.45 6.99
CA TYR E 52 -12.08 -10.59 8.08
C TYR E 52 -10.85 -10.23 8.89
N PHE E 53 -11.00 -9.19 9.70
CA PHE E 53 -9.97 -8.82 10.66
C PHE E 53 -10.67 -8.30 11.91
N CYS E 54 -9.97 -8.40 13.05
CA CYS E 54 -10.46 -7.92 14.32
C CYS E 54 -9.36 -7.10 14.99
N ILE E 55 -9.76 -6.16 15.83
CA ILE E 55 -8.81 -5.37 16.61
C ILE E 55 -9.26 -5.37 18.06
N LYS E 56 -8.29 -5.30 18.95
CA LYS E 56 -8.53 -5.00 20.36
C LYS E 56 -7.96 -3.62 20.64
N THR E 57 -8.71 -2.82 21.40
CA THR E 57 -8.27 -1.49 21.82
C THR E 57 -8.42 -1.37 23.33
N VAL E 58 -7.55 -0.57 23.94
CA VAL E 58 -7.61 -0.26 25.35
C VAL E 58 -7.41 1.24 25.53
N LYS E 59 -7.92 1.75 26.64
CA LYS E 59 -7.77 3.17 26.95
C LYS E 59 -6.29 3.54 27.00
N ALA E 60 -5.96 4.69 26.40
CA ALA E 60 -4.56 5.12 26.39
C ALA E 60 -4.02 5.36 27.79
N ASN E 61 -4.87 5.77 28.74
CA ASN E 61 -4.43 6.06 30.09
C ASN E 61 -4.44 4.82 30.98
N GLY E 62 -4.77 3.65 30.44
CA GLY E 62 -4.67 2.40 31.16
C GLY E 62 -5.90 1.99 31.92
N SER E 63 -6.97 2.77 31.87
CA SER E 63 -8.17 2.48 32.62
C SER E 63 -9.14 1.65 31.77
N GLY E 64 -10.30 1.34 32.35
CA GLY E 64 -11.36 0.68 31.63
C GLY E 64 -11.08 -0.76 31.25
N ILE E 65 -11.93 -1.27 30.37
CA ILE E 65 -12.00 -2.67 29.94
C ILE E 65 -11.81 -2.70 28.43
N PRO E 66 -11.14 -3.70 27.85
CA PRO E 66 -10.82 -3.64 26.41
C PRO E 66 -12.06 -3.56 25.53
N VAL E 67 -11.85 -3.11 24.30
CA VAL E 67 -12.87 -3.15 23.26
C VAL E 67 -12.38 -4.07 22.14
N VAL E 68 -13.28 -4.90 21.63
CA VAL E 68 -12.97 -5.79 20.52
C VAL E 68 -14.02 -5.56 19.45
N ALA E 69 -13.57 -5.34 18.21
CA ALA E 69 -14.48 -5.18 17.09
C ALA E 69 -13.85 -5.83 15.87
N CYS E 70 -14.71 -6.33 14.97
CA CYS E 70 -14.31 -7.02 13.75
C CYS E 70 -15.08 -6.43 12.57
N ALA E 71 -14.48 -6.60 11.39
CA ALA E 71 -15.09 -6.30 10.11
C ALA E 71 -14.93 -7.52 9.21
N VAL E 72 -15.99 -7.83 8.46
CA VAL E 72 -16.07 -9.04 7.65
C VAL E 72 -16.41 -8.60 6.23
N SER E 73 -15.58 -9.00 5.26
CA SER E 73 -15.59 -8.36 3.95
C SER E 73 -16.91 -8.52 3.21
N LYS E 74 -17.55 -9.70 3.30
CA LYS E 74 -18.76 -9.92 2.51
C LYS E 74 -20.04 -9.86 3.32
N GLN E 75 -20.01 -9.30 4.54
CA GLN E 75 -21.13 -9.44 5.47
C GLN E 75 -21.43 -8.13 6.18
N SER E 76 -22.71 -7.98 6.56
CA SER E 76 -23.29 -6.83 7.28
C SER E 76 -23.38 -5.62 6.36
N ILE E 77 -24.15 -4.62 6.76
CA ILE E 77 -24.30 -3.45 5.90
C ILE E 77 -23.00 -2.67 5.76
N TRP E 78 -22.02 -2.93 6.62
CA TRP E 78 -20.73 -2.24 6.64
C TRP E 78 -19.68 -2.88 5.73
N ALA E 79 -20.02 -3.98 5.07
CA ALA E 79 -19.09 -4.61 4.13
C ALA E 79 -18.40 -3.65 3.17
N PRO E 80 -19.06 -2.65 2.58
CA PRO E 80 -18.36 -1.84 1.57
C PRO E 80 -17.11 -1.13 2.10
N SER E 81 -16.99 -0.91 3.42
CA SER E 81 -15.87 -0.18 4.01
C SER E 81 -14.78 -1.08 4.56
N PHE E 82 -14.84 -2.38 4.27
CA PHE E 82 -13.88 -3.33 4.84
C PHE E 82 -12.44 -2.92 4.57
N LYS E 83 -12.09 -2.73 3.30
CA LYS E 83 -10.70 -2.46 2.95
C LYS E 83 -10.22 -1.15 3.56
N GLU E 84 -11.05 -0.11 3.52
CA GLU E 84 -10.67 1.17 4.10
C GLU E 84 -10.43 1.06 5.60
N LEU E 85 -11.29 0.33 6.30
CA LEU E 85 -11.13 0.18 7.75
C LEU E 85 -9.93 -0.69 8.09
N LEU E 86 -9.71 -1.76 7.33
CA LEU E 86 -8.49 -2.55 7.51
C LEU E 86 -7.24 -1.69 7.34
N ASP E 87 -7.11 -0.98 6.22
CA ASP E 87 -5.96 -0.10 6.03
C ASP E 87 -5.83 0.90 7.19
N GLN E 88 -6.94 1.53 7.59
CA GLN E 88 -6.87 2.54 8.62
C GLN E 88 -6.55 1.94 9.98
N ALA E 89 -7.16 0.80 10.31
CA ALA E 89 -6.80 0.10 11.55
C ALA E 89 -5.30 -0.21 11.59
N ARG E 90 -4.78 -0.75 10.47
CA ARG E 90 -3.35 -1.06 10.40
C ARG E 90 -2.51 0.16 10.68
N TYR E 91 -2.86 1.30 10.07
CA TYR E 91 -2.06 2.50 10.26
C TYR E 91 -2.10 2.96 11.71
N PHE E 92 -3.30 3.01 12.30
CA PHE E 92 -3.40 3.46 13.68
C PHE E 92 -2.75 2.45 14.65
N TYR E 93 -2.81 1.16 14.31
CA TYR E 93 -2.08 0.14 15.06
C TYR E 93 -0.57 0.39 15.01
N SER E 94 -0.05 0.71 13.83
CA SER E 94 1.39 0.82 13.70
C SER E 94 1.96 2.06 14.38
N THR E 95 1.15 3.11 14.58
CA THR E 95 1.62 4.32 15.24
C THR E 95 1.29 4.35 16.73
N GLY E 96 0.40 3.48 17.19
CA GLY E 96 0.03 3.51 18.59
C GLY E 96 -0.78 4.70 19.02
N GLN E 97 -1.20 5.56 18.11
CA GLN E 97 -1.82 6.81 18.53
C GLN E 97 -3.24 6.61 19.05
N SER E 98 -3.72 7.62 19.75
CA SER E 98 -5.01 7.62 20.42
C SER E 98 -6.14 7.86 19.41
N VAL E 99 -7.18 7.02 19.46
CA VAL E 99 -8.25 7.08 18.48
C VAL E 99 -9.59 6.94 19.18
N ARG E 100 -10.65 7.30 18.47
CA ARG E 100 -12.00 6.93 18.85
C ARG E 100 -12.46 5.81 17.94
N ILE E 101 -12.90 4.71 18.54
CA ILE E 101 -13.37 3.55 17.79
C ILE E 101 -14.88 3.56 17.83
N HIS E 102 -15.52 3.37 16.66
CA HIS E 102 -16.96 3.35 16.52
C HIS E 102 -17.38 1.95 16.12
N VAL E 103 -18.39 1.40 16.79
CA VAL E 103 -18.83 0.04 16.56
C VAL E 103 -20.35 0.01 16.49
N GLN E 104 -20.89 -1.06 15.91
CA GLN E 104 -22.31 -1.39 16.04
C GLN E 104 -22.41 -2.73 16.75
N LYS E 105 -23.12 -2.74 17.88
CA LYS E 105 -23.21 -3.91 18.72
C LYS E 105 -24.08 -4.99 18.08
N ASN E 106 -23.84 -6.24 18.50
CA ASN E 106 -24.74 -7.37 18.24
C ASN E 106 -24.95 -7.62 16.76
N ILE E 107 -23.86 -7.76 16.02
CA ILE E 107 -23.91 -7.98 14.58
C ILE E 107 -23.49 -9.40 14.20
N TRP E 108 -22.35 -9.86 14.70
CA TRP E 108 -21.85 -11.17 14.31
C TRP E 108 -22.53 -12.27 15.15
N THR E 109 -22.75 -13.42 14.52
CA THR E 109 -23.64 -14.45 15.06
C THR E 109 -23.00 -15.80 15.30
N TYR E 110 -21.95 -16.19 14.58
CA TYR E 110 -21.37 -17.51 14.81
C TYR E 110 -20.83 -17.60 16.23
N PRO E 111 -21.42 -18.45 17.09
CA PRO E 111 -21.12 -18.38 18.53
C PRO E 111 -19.64 -18.51 18.87
N LEU E 112 -18.92 -19.44 18.24
CA LEU E 112 -17.49 -19.59 18.54
C LEU E 112 -16.72 -18.34 18.16
N PHE E 113 -17.11 -17.70 17.04
CA PHE E 113 -16.50 -16.45 16.60
C PHE E 113 -16.72 -15.34 17.63
N VAL E 114 -17.98 -15.15 18.04
CA VAL E 114 -18.31 -14.12 19.03
C VAL E 114 -17.57 -14.38 20.33
N ASN E 115 -17.40 -15.66 20.69
CA ASN E 115 -16.74 -16.01 21.93
C ASN E 115 -15.24 -15.70 21.88
N THR E 116 -14.59 -15.99 20.76
CA THR E 116 -13.19 -15.61 20.61
C THR E 116 -13.03 -14.10 20.62
N PHE E 117 -13.86 -13.40 19.85
CA PHE E 117 -13.73 -11.98 19.62
C PHE E 117 -14.90 -11.23 20.26
N SER E 118 -15.85 -10.78 19.47
CA SER E 118 -17.07 -10.18 19.99
C SER E 118 -18.10 -10.13 18.86
N ALA E 119 -19.25 -9.55 19.16
CA ALA E 119 -20.29 -9.35 18.16
C ALA E 119 -20.25 -7.95 17.55
N ASN E 120 -19.34 -7.08 18.00
CA ASN E 120 -19.25 -5.72 17.48
C ASN E 120 -18.73 -5.71 16.05
N ALA E 121 -19.49 -5.07 15.16
CA ALA E 121 -18.99 -4.70 13.85
C ALA E 121 -18.26 -3.37 13.95
N LEU E 122 -17.06 -3.31 13.37
CA LEU E 122 -16.31 -2.07 13.32
C LEU E 122 -16.88 -1.18 12.23
N VAL E 123 -17.19 0.08 12.57
CA VAL E 123 -17.87 0.98 11.63
C VAL E 123 -17.17 2.33 11.49
N GLY E 124 -16.11 2.59 12.25
CA GLY E 124 -15.42 3.85 12.05
C GLY E 124 -14.18 4.02 12.91
N LEU E 125 -13.22 4.82 12.44
CA LEU E 125 -12.05 5.16 13.24
C LEU E 125 -11.80 6.66 13.11
N SER E 126 -11.54 7.31 14.25
CA SER E 126 -11.28 8.76 14.31
C SER E 126 -10.00 9.00 15.10
N SER E 127 -9.07 9.74 14.51
CA SER E 127 -7.90 10.13 15.28
C SER E 127 -8.30 11.10 16.39
N CYS E 128 -7.47 11.18 17.42
CA CYS E 128 -7.67 12.08 18.53
C CYS E 128 -6.40 12.88 18.78
N SER E 129 -6.57 13.99 19.51
CA SER E 129 -5.42 14.63 20.15
C SER E 129 -5.71 14.75 21.64
N ALA E 130 -5.29 15.86 22.24
CA ALA E 130 -5.48 16.05 23.67
C ALA E 130 -6.97 16.07 24.02
N THR E 131 -7.51 14.89 24.36
CA THR E 131 -8.93 14.66 24.66
C THR E 131 -9.84 15.49 23.76
N GLN E 132 -9.69 15.25 22.47
CA GLN E 132 -10.61 15.77 21.45
C GLN E 132 -10.46 14.84 20.25
N CYS E 133 -11.55 14.22 19.82
CA CYS E 133 -11.50 13.30 18.70
C CYS E 133 -12.26 13.86 17.50
N PHE E 134 -11.72 13.59 16.30
CA PHE E 134 -12.26 14.14 15.05
C PHE E 134 -13.24 13.14 14.43
N GLY E 135 -14.46 13.16 14.95
CA GLY E 135 -15.50 12.30 14.45
C GLY E 135 -16.78 12.55 15.21
N PRO E 136 -17.84 11.85 14.83
CA PRO E 136 -19.14 12.07 15.48
C PRO E 136 -19.13 11.65 16.94
N LYS E 137 -19.96 12.35 17.74
CA LYS E 137 -19.88 12.31 19.21
C LYS E 137 -21.18 11.84 19.82
C1 NAG F . 30.08 17.09 -17.73
C2 NAG F . 29.76 15.99 -16.74
C3 NAG F . 28.32 15.98 -16.28
C4 NAG F . 27.37 17.02 -16.84
C5 NAG F . 28.01 18.37 -17.23
C6 NAG F . 27.54 19.45 -16.29
C7 NAG F . 29.63 13.70 -18.29
C8 NAG F . 28.31 14.02 -19.09
N2 NAG F . 30.24 14.62 -17.24
O1 NAG F . 31.43 17.23 -17.83
O3 NAG F . 28.30 16.02 -14.81
O4 NAG F . 26.66 16.50 -18.00
O5 NAG F . 29.49 18.39 -17.25
O6 NAG F . 27.82 20.73 -16.86
O7 NAG F . 30.19 12.68 -18.53
C1 GAL F . 25.46 15.91 -17.72
C2 GAL F . 24.83 15.43 -19.06
C3 GAL F . 23.67 14.55 -18.82
C4 GAL F . 24.11 13.31 -18.12
C5 GAL F . 24.66 13.68 -16.72
C6 GAL F . 25.35 12.48 -16.16
O2 GAL F . 24.42 16.59 -19.82
O3 GAL F . 23.01 14.24 -20.14
O4 GAL F . 25.08 12.61 -18.89
O5 GAL F . 25.64 14.78 -16.74
O6 GAL F . 24.48 11.80 -15.29
C1 SIA F . 21.04 13.79 -18.74
C2 SIA F . 21.49 14.39 -20.02
C3 SIA F . 20.91 13.63 -21.25
C4 SIA F . 19.54 14.02 -21.71
C5 SIA F . 19.31 15.49 -21.68
C6 SIA F . 19.71 16.07 -20.28
C7 SIA F . 19.45 17.58 -20.20
C8 SIA F . 20.08 18.12 -18.91
C9 SIA F . 19.39 19.44 -18.49
C10 SIA F . 17.49 16.77 -22.98
C11 SIA F . 16.03 17.09 -23.23
N5 SIA F . 17.87 15.80 -21.94
O1A SIA F . 21.22 12.54 -18.58
O1B SIA F . 20.53 14.51 -17.80
O4 SIA F . 19.31 13.52 -23.06
O6 SIA F . 21.16 15.83 -19.97
O7 SIA F . 20.01 18.20 -21.34
O8 SIA F . 19.93 17.20 -17.85
O9 SIA F . 20.04 19.93 -17.31
O10 SIA F . 18.35 17.29 -23.63
C1 NAG G . 32.59 -17.46 -2.79
C2 NAG G . 31.98 -17.60 -4.16
C3 NAG G . 30.92 -18.67 -4.18
C4 NAG G . 31.32 -19.99 -3.58
C5 NAG G . 32.39 -19.93 -2.46
C6 NAG G . 33.22 -21.17 -2.54
C7 NAG G . 30.30 -15.42 -4.26
C8 NAG G . 29.45 -15.71 -2.97
N2 NAG G . 31.43 -16.29 -4.76
O1 NAG G . 33.48 -16.43 -2.77
O3 NAG G . 30.51 -18.86 -5.59
O4 NAG G . 30.17 -20.73 -3.03
O5 NAG G . 33.29 -18.76 -2.48
O6 NAG G . 32.59 -22.19 -1.77
O7 NAG G . 30.04 -14.44 -4.89
C1 GAL G . 28.99 -20.06 -3.09
C2 GAL G . 28.00 -20.81 -4.00
C3 GAL G . 26.68 -20.11 -4.05
C4 GAL G . 26.13 -19.86 -2.69
C5 GAL G . 27.15 -19.13 -1.77
C6 GAL G . 26.59 -19.01 -0.39
O2 GAL G . 28.55 -20.91 -5.32
O3 GAL G . 25.74 -20.92 -4.91
O4 GAL G . 25.73 -21.09 -2.08
O5 GAL G . 28.43 -19.84 -1.72
O6 GAL G . 25.18 -18.99 -0.48
C1 SIA G . 24.24 -19.05 -5.13
C2 SIA G . 24.97 -20.09 -5.92
C3 SIA G . 23.98 -21.09 -6.61
C4 SIA G . 23.49 -20.77 -8.00
C5 SIA G . 24.48 -20.05 -8.85
C6 SIA G . 25.11 -18.89 -8.04
C7 SIA G . 26.02 -18.02 -8.91
C8 SIA G . 26.75 -17.07 -8.00
C9 SIA G . 27.16 -15.84 -8.82
C10 SIA G . 24.18 -19.74 -11.43
C11 SIA G . 23.39 -19.13 -12.57
N5 SIA G . 23.76 -19.49 -10.04
O1A SIA G . 23.35 -19.42 -4.29
O1B SIA G . 24.54 -17.82 -5.24
O4 SIA G . 23.05 -21.99 -8.66
O6 SIA G . 25.87 -19.39 -6.86
O7 SIA G . 26.93 -18.84 -9.63
O8 SIA G . 25.89 -16.68 -6.95
O9 SIA G . 28.07 -15.07 -8.02
O10 SIA G . 25.13 -20.41 -11.64
C1 NAG H . 8.04 -25.26 27.05
C2 NAG H . 7.43 -23.91 27.41
C3 NAG H . 5.94 -24.02 27.36
C4 NAG H . 5.45 -24.41 26.01
C5 NAG H . 6.19 -25.62 25.38
C6 NAG H . 6.01 -25.63 23.89
C7 NAG H . 8.61 -22.21 29.04
C8 NAG H . 9.06 -21.80 30.49
N2 NAG H . 7.87 -23.50 28.81
O1 NAG H . 9.40 -25.21 27.14
O3 NAG H . 5.32 -22.74 27.74
O4 NAG H . 4.02 -24.71 26.13
O5 NAG H . 7.65 -25.67 25.65
O6 NAG H . 6.19 -24.31 23.38
O7 NAG H . 8.88 -21.51 28.11
C1 GAL H . 3.32 -23.89 25.32
C2 GAL H . 2.03 -24.56 24.80
C3 GAL H . 1.38 -23.66 23.82
C4 GAL H . 1.14 -22.27 24.31
C5 GAL H . 2.39 -21.66 25.04
C6 GAL H . 2.04 -20.39 25.73
O2 GAL H . 2.36 -25.81 24.17
O3 GAL H . 0.11 -24.28 23.33
O4 GAL H . 0.00 -22.23 25.18
O5 GAL H . 3.01 -22.60 26.00
O6 GAL H . 1.56 -19.47 24.77
C1 SIA H . 0.46 -23.14 21.23
C2 SIA H . 0.17 -24.49 21.82
C3 SIA H . -1.21 -25.03 21.35
C4 SIA H . -1.25 -25.63 19.98
C5 SIA H . -0.12 -26.52 19.67
C6 SIA H . 1.22 -25.81 20.04
C7 SIA H . 2.48 -26.64 19.71
C8 SIA H . 3.68 -25.81 20.15
C9 SIA H . 4.95 -26.29 19.44
C10 SIA H . -0.31 -28.26 17.80
C11 SIA H . -0.34 -28.60 16.32
N5 SIA H . -0.14 -26.88 18.22
O1A SIA H . -0.40 -22.20 21.39
O1B SIA H . 1.54 -22.91 20.63
O4 SIA H . -2.49 -26.36 19.84
O6 SIA H . 1.27 -25.42 21.47
O7 SIA H . 2.43 -27.88 20.39
O8 SIA H . 3.46 -24.43 19.85
O9 SIA H . 6.06 -25.74 20.15
O10 SIA H . -0.43 -29.13 18.60
#